data_7AA7
#
_entry.id   7AA7
#
_cell.length_a   28.364
_cell.length_b   37.169
_cell.length_c   62.482
_cell.angle_alpha   81.751
_cell.angle_beta   89.602
_cell.angle_gamma   67.818
#
_symmetry.space_group_name_H-M   'P 1'
#
loop_
_entity.id
_entity.type
_entity.pdbx_description
1 polymer 'Gamma-aminobutyric acid receptor-associated protein-like 1'
2 polymer 'pS12/pS18 SCOC LIR'
3 non-polymer 'sulfoacetic acid'
4 water water
#
loop_
_entity_poly.entity_id
_entity_poly.type
_entity_poly.pdbx_seq_one_letter_code
_entity_poly.pdbx_strand_id
1 'polypeptide(L)'
;GPTMGSMKFQYKEDHPFEYRKKEGEKIRKKYPDRVPVIVEKAPKARVPDLDKRKYLVPSDLTVGQFYFLIRKRIHLRPED
ALFFFVNNTIPPTSATMGQLYEDNHEEDYFLYVAYSDESVYGK
;
A,B
2 'polypeptide(L)' EED(SEP)TFTNI(SEP)L P,Q
#
loop_
_chem_comp.id
_chem_comp.type
_chem_comp.name
_chem_comp.formula
SAT non-polymer 'sulfoacetic acid' 'C2 H4 O5 S'
#
# COMPACT_ATOMS: atom_id res chain seq x y z
N MET A 7 9.25 -17.81 -0.26
CA MET A 7 9.37 -16.97 0.93
C MET A 7 9.72 -17.83 2.14
N LYS A 8 9.47 -19.14 2.03
CA LYS A 8 9.80 -20.13 3.05
C LYS A 8 8.94 -20.01 4.30
N PHE A 9 7.63 -20.28 4.18
CA PHE A 9 6.76 -20.41 5.34
C PHE A 9 6.71 -21.87 5.74
N GLN A 10 6.96 -22.13 7.03
CA GLN A 10 6.91 -23.50 7.51
C GLN A 10 5.51 -24.07 7.35
N TYR A 11 4.50 -23.21 7.37
CA TYR A 11 3.14 -23.68 7.19
C TYR A 11 2.97 -24.35 5.83
N LYS A 12 3.59 -23.79 4.80
CA LYS A 12 3.50 -24.42 3.47
C LYS A 12 4.29 -25.73 3.45
N GLU A 13 5.46 -25.73 4.10
CA GLU A 13 6.28 -26.93 4.16
C GLU A 13 5.56 -28.08 4.82
N ASP A 14 4.66 -27.78 5.76
CA ASP A 14 3.97 -28.78 6.57
C ASP A 14 2.64 -29.18 6.00
N HIS A 15 2.14 -28.51 4.97
CA HIS A 15 0.78 -28.77 4.51
C HIS A 15 0.73 -28.83 2.99
N PRO A 16 0.33 -29.96 2.42
CA PRO A 16 0.19 -30.04 0.95
C PRO A 16 -0.76 -28.98 0.42
N PHE A 17 -0.44 -28.49 -0.78
CA PHE A 17 -1.23 -27.41 -1.38
C PHE A 17 -2.71 -27.76 -1.41
N GLU A 18 -3.04 -28.98 -1.86
CA GLU A 18 -4.44 -29.33 -2.01
C GLU A 18 -5.19 -29.19 -0.70
N TYR A 19 -4.52 -29.54 0.41
CA TYR A 19 -5.12 -29.43 1.74
C TYR A 19 -5.29 -27.99 2.15
N ARG A 20 -4.27 -27.17 1.90
CA ARG A 20 -4.36 -25.76 2.24
C ARG A 20 -5.51 -25.10 1.49
N LYS A 21 -5.61 -25.36 0.19
CA LYS A 21 -6.64 -24.71 -0.62
C LYS A 21 -8.05 -25.13 -0.16
N LYS A 22 -8.24 -26.40 0.15
CA LYS A 22 -9.55 -26.86 0.62
C LYS A 22 -9.93 -26.18 1.94
N GLU A 23 -8.97 -26.06 2.87
CA GLU A 23 -9.25 -25.39 4.13
C GLU A 23 -9.49 -23.89 3.95
N GLY A 24 -8.66 -23.25 3.13
CA GLY A 24 -8.81 -21.81 2.92
C GLY A 24 -10.14 -21.45 2.28
N GLU A 25 -10.54 -22.19 1.24
CA GLU A 25 -11.83 -21.96 0.60
C GLU A 25 -12.97 -22.17 1.58
N LYS A 26 -12.92 -23.24 2.38
CA LYS A 26 -13.99 -23.53 3.32
C LYS A 26 -14.10 -22.43 4.37
N ILE A 27 -12.97 -22.00 4.93
CA ILE A 27 -13.02 -21.05 6.04
C ILE A 27 -13.44 -19.67 5.54
N ARG A 28 -13.08 -19.31 4.31
CA ARG A 28 -13.50 -18.02 3.78
C ARG A 28 -15.00 -17.98 3.53
N LYS A 29 -15.56 -19.11 3.06
CA LYS A 29 -17.01 -19.19 2.89
C LYS A 29 -17.72 -19.19 4.23
N LYS A 30 -17.12 -19.82 5.25
CA LYS A 30 -17.80 -19.97 6.52
C LYS A 30 -17.81 -18.68 7.34
N TYR A 31 -16.75 -17.86 7.24
CA TYR A 31 -16.59 -16.66 8.05
C TYR A 31 -16.38 -15.47 7.14
N PRO A 32 -17.47 -14.92 6.55
CA PRO A 32 -17.31 -13.79 5.64
C PRO A 32 -16.70 -12.57 6.30
N ASP A 33 -16.77 -12.45 7.62
CA ASP A 33 -16.25 -11.28 8.30
C ASP A 33 -14.85 -11.52 8.87
N ARG A 34 -14.20 -12.64 8.53
CA ARG A 34 -12.84 -12.89 8.98
C ARG A 34 -12.01 -13.37 7.81
N VAL A 35 -10.69 -13.34 7.99
CA VAL A 35 -9.78 -13.83 6.96
C VAL A 35 -8.78 -14.79 7.58
N PRO A 36 -8.42 -15.85 6.86
CA PRO A 36 -7.41 -16.79 7.39
C PRO A 36 -6.02 -16.27 7.04
N VAL A 37 -5.16 -16.21 8.06
CA VAL A 37 -3.85 -15.57 7.94
C VAL A 37 -2.83 -16.49 8.61
N ILE A 38 -1.72 -16.73 7.90
CA ILE A 38 -0.56 -17.41 8.45
C ILE A 38 0.45 -16.33 8.81
N VAL A 39 0.97 -16.35 10.05
CA VAL A 39 1.96 -15.37 10.50
C VAL A 39 3.18 -16.12 10.99
N GLU A 40 4.34 -15.83 10.40
CA GLU A 40 5.57 -16.51 10.77
C GLU A 40 6.73 -15.53 10.80
N LYS A 41 7.70 -15.86 11.63
CA LYS A 41 8.95 -15.12 11.67
C LYS A 41 9.71 -15.36 10.37
N ALA A 42 10.27 -14.29 9.82
CA ALA A 42 11.05 -14.43 8.61
C ALA A 42 12.32 -15.22 8.91
N PRO A 43 12.83 -15.96 7.93
CA PRO A 43 14.18 -16.51 8.03
C PRO A 43 15.17 -15.46 8.52
N LYS A 44 16.04 -15.85 9.45
CA LYS A 44 17.14 -15.06 9.98
C LYS A 44 16.71 -14.01 10.98
N ALA A 45 15.41 -13.78 11.20
CA ALA A 45 15.01 -12.70 12.09
C ALA A 45 15.41 -13.02 13.52
N ARG A 46 15.89 -11.99 14.22
CA ARG A 46 16.34 -12.09 15.59
C ARG A 46 15.24 -11.71 16.57
N VAL A 47 14.09 -12.36 16.44
CA VAL A 47 12.96 -12.07 17.31
C VAL A 47 12.31 -13.40 17.67
N PRO A 48 11.42 -13.45 18.65
CA PRO A 48 10.79 -14.72 19.01
C PRO A 48 9.86 -15.21 17.92
N ASP A 49 9.72 -16.52 17.85
CA ASP A 49 8.62 -17.17 17.14
C ASP A 49 7.34 -17.00 17.93
N LEU A 50 6.22 -16.91 17.21
CA LEU A 50 4.91 -16.83 17.82
C LEU A 50 4.50 -18.20 18.35
N ASP A 51 3.66 -18.21 19.40
CA ASP A 51 3.18 -19.48 19.93
C ASP A 51 2.18 -20.15 18.99
N LYS A 52 1.60 -19.38 18.08
CA LYS A 52 0.59 -19.86 17.15
C LYS A 52 0.89 -19.25 15.77
N ARG A 53 0.65 -19.99 14.70
CA ARG A 53 0.87 -19.42 13.36
C ARG A 53 -0.36 -19.29 12.48
N LYS A 54 -1.48 -19.94 12.80
CA LYS A 54 -2.66 -19.95 11.94
C LYS A 54 -3.77 -19.16 12.62
N TYR A 55 -4.18 -18.04 12.01
CA TYR A 55 -5.09 -17.11 12.64
C TYR A 55 -6.36 -16.91 11.84
N LEU A 56 -7.44 -16.60 12.53
CA LEU A 56 -8.66 -16.11 11.89
C LEU A 56 -8.85 -14.68 12.38
N VAL A 57 -8.74 -13.71 11.47
CA VAL A 57 -8.55 -12.30 11.84
C VAL A 57 -9.77 -11.52 11.35
N PRO A 58 -10.35 -10.66 12.17
CA PRO A 58 -11.50 -9.86 11.71
C PRO A 58 -11.12 -9.03 10.50
N SER A 59 -12.00 -9.04 9.49
CA SER A 59 -11.69 -8.36 8.23
CA SER A 59 -11.68 -8.37 8.23
C SER A 59 -11.54 -6.87 8.43
N ASP A 60 -12.22 -6.29 9.43
CA ASP A 60 -12.18 -4.85 9.64
C ASP A 60 -11.02 -4.38 10.49
N LEU A 61 -10.25 -5.29 11.08
CA LEU A 61 -9.07 -4.87 11.82
C LEU A 61 -8.08 -4.29 10.83
N THR A 62 -7.43 -3.18 11.17
CA THR A 62 -6.47 -2.66 10.21
C THR A 62 -5.14 -3.39 10.29
N VAL A 63 -4.37 -3.32 9.21
CA VAL A 63 -3.00 -3.88 9.21
C VAL A 63 -2.19 -3.30 10.38
N GLY A 64 -2.30 -1.98 10.60
CA GLY A 64 -1.54 -1.37 11.67
C GLY A 64 -1.91 -1.90 13.05
N GLN A 65 -3.21 -2.11 13.29
CA GLN A 65 -3.65 -2.69 14.56
C GLN A 65 -3.15 -4.12 14.70
N PHE A 66 -3.18 -4.89 13.62
CA PHE A 66 -2.69 -6.26 13.68
C PHE A 66 -1.20 -6.28 13.96
N TYR A 67 -0.47 -5.32 13.37
CA TYR A 67 0.96 -5.19 13.64
C TYR A 67 1.24 -4.99 15.12
N PHE A 68 0.57 -4.02 15.75
CA PHE A 68 0.81 -3.79 17.17
C PHE A 68 0.42 -5.00 18.01
N LEU A 69 -0.63 -5.72 17.61
CA LEU A 69 -1.00 -6.94 18.36
CA LEU A 69 -1.00 -6.94 18.35
C LEU A 69 0.09 -8.00 18.26
N ILE A 70 0.66 -8.19 17.07
CA ILE A 70 1.73 -9.17 16.92
C ILE A 70 2.95 -8.77 17.74
N ARG A 71 3.29 -7.49 17.74
CA ARG A 71 4.40 -7.05 18.57
C ARG A 71 4.20 -7.49 20.01
N LYS A 72 2.98 -7.30 20.54
CA LYS A 72 2.72 -7.73 21.92
C LYS A 72 2.83 -9.23 22.07
N ARG A 73 2.33 -10.00 21.10
CA ARG A 73 2.33 -11.46 21.23
C ARG A 73 3.74 -12.04 21.21
N ILE A 74 4.72 -11.38 20.58
CA ILE A 74 6.10 -11.80 20.68
C ILE A 74 6.85 -11.04 21.79
N HIS A 75 6.12 -10.26 22.60
CA HIS A 75 6.68 -9.57 23.77
C HIS A 75 7.80 -8.59 23.39
N LEU A 76 7.64 -7.88 22.27
CA LEU A 76 8.64 -6.91 21.84
CA LEU A 76 8.63 -6.93 21.84
C LEU A 76 8.53 -5.63 22.65
N ARG A 77 9.66 -5.14 23.14
CA ARG A 77 9.66 -3.83 23.78
C ARG A 77 9.25 -2.77 22.77
N PRO A 78 8.59 -1.71 23.20
CA PRO A 78 8.20 -0.66 22.25
C PRO A 78 9.38 0.00 21.59
N GLU A 79 10.58 -0.07 22.18
CA GLU A 79 11.80 0.47 21.63
C GLU A 79 12.36 -0.33 20.47
N ASP A 80 11.89 -1.56 20.22
CA ASP A 80 12.53 -2.45 19.27
C ASP A 80 11.87 -2.38 17.90
N ALA A 81 12.62 -2.79 16.87
CA ALA A 81 12.13 -2.76 15.49
C ALA A 81 11.36 -4.01 15.10
N LEU A 82 10.32 -3.83 14.28
CA LEU A 82 9.64 -4.95 13.67
C LEU A 82 8.94 -4.47 12.40
N PHE A 83 8.93 -5.32 11.38
CA PHE A 83 8.32 -4.98 10.10
C PHE A 83 7.52 -6.18 9.64
N PHE A 84 6.42 -5.93 8.92
CA PHE A 84 5.67 -6.99 8.24
C PHE A 84 6.07 -7.01 6.77
N PHE A 85 6.04 -8.22 6.20
CA PHE A 85 6.20 -8.42 4.76
C PHE A 85 5.07 -9.29 4.26
N VAL A 86 4.42 -8.84 3.19
CA VAL A 86 3.39 -9.60 2.51
C VAL A 86 3.77 -9.60 1.05
N ASN A 87 3.98 -10.78 0.48
CA ASN A 87 4.54 -10.86 -0.88
C ASN A 87 5.80 -10.00 -1.03
N ASN A 88 6.67 -10.08 -0.04
CA ASN A 88 7.98 -9.41 -0.01
CA ASN A 88 7.97 -9.42 -0.06
C ASN A 88 7.85 -7.89 -0.06
N THR A 89 6.75 -7.35 0.45
CA THR A 89 6.46 -5.93 0.43
C THR A 89 5.89 -5.56 1.79
N ILE A 90 6.32 -4.42 2.33
CA ILE A 90 5.72 -3.95 3.58
C ILE A 90 4.31 -3.46 3.28
N PRO A 91 3.28 -3.97 3.95
CA PRO A 91 1.89 -3.64 3.57
C PRO A 91 1.50 -2.25 4.04
N PRO A 92 0.50 -1.65 3.42
CA PRO A 92 -0.02 -0.36 3.92
C PRO A 92 -0.72 -0.55 5.26
N THR A 93 -0.37 0.29 6.21
CA THR A 93 -0.92 0.12 7.57
C THR A 93 -2.39 0.51 7.69
N SER A 94 -2.91 1.33 6.79
CA SER A 94 -4.31 1.73 6.87
C SER A 94 -5.25 0.75 6.20
N ALA A 95 -4.73 -0.20 5.43
CA ALA A 95 -5.60 -1.19 4.80
C ALA A 95 -6.23 -2.04 5.90
N THR A 96 -7.45 -2.48 5.66
CA THR A 96 -8.01 -3.48 6.56
C THR A 96 -7.42 -4.83 6.21
N MET A 97 -7.51 -5.75 7.16
CA MET A 97 -7.00 -7.09 6.89
C MET A 97 -7.81 -7.74 5.77
N GLY A 98 -9.12 -7.40 5.67
CA GLY A 98 -9.91 -7.91 4.56
C GLY A 98 -9.42 -7.38 3.21
N GLN A 99 -9.09 -6.08 3.16
CA GLN A 99 -8.51 -5.54 1.92
C GLN A 99 -7.15 -6.18 1.61
N LEU A 100 -6.29 -6.33 2.62
CA LEU A 100 -4.99 -6.92 2.36
C LEU A 100 -5.16 -8.35 1.87
N TYR A 101 -6.11 -9.08 2.46
CA TYR A 101 -6.37 -10.44 2.02
C TYR A 101 -6.82 -10.46 0.57
N GLU A 102 -7.79 -9.60 0.21
CA GLU A 102 -8.32 -9.60 -1.14
C GLU A 102 -7.22 -9.34 -2.16
N ASP A 103 -6.26 -8.51 -1.80
CA ASP A 103 -5.23 -8.10 -2.74
C ASP A 103 -4.02 -9.02 -2.72
N ASN A 104 -3.88 -9.87 -1.70
CA ASN A 104 -2.61 -10.59 -1.55
C ASN A 104 -2.75 -12.07 -1.25
N HIS A 105 -3.95 -12.59 -1.06
CA HIS A 105 -4.07 -14.01 -0.74
C HIS A 105 -3.43 -14.84 -1.85
N GLU A 106 -2.88 -15.99 -1.46
CA GLU A 106 -2.31 -16.90 -2.45
C GLU A 106 -3.40 -17.78 -3.04
N GLU A 107 -2.99 -18.68 -3.96
CA GLU A 107 -3.91 -19.58 -4.63
C GLU A 107 -4.59 -20.56 -3.68
N ASP A 108 -4.04 -20.74 -2.48
CA ASP A 108 -4.64 -21.59 -1.46
C ASP A 108 -5.63 -20.84 -0.59
N TYR A 109 -5.90 -19.57 -0.89
CA TYR A 109 -6.86 -18.73 -0.17
C TYR A 109 -6.42 -18.42 1.26
N PHE A 110 -5.13 -18.51 1.53
CA PHE A 110 -4.57 -17.97 2.77
C PHE A 110 -3.82 -16.68 2.47
N LEU A 111 -3.81 -15.78 3.44
CA LEU A 111 -2.92 -14.64 3.44
C LEU A 111 -1.70 -14.99 4.29
N TYR A 112 -0.51 -14.69 3.80
CA TYR A 112 0.74 -14.97 4.51
C TYR A 112 1.43 -13.67 4.90
N VAL A 113 1.74 -13.54 6.18
CA VAL A 113 2.44 -12.38 6.73
C VAL A 113 3.73 -12.87 7.40
N ALA A 114 4.85 -12.35 6.98
CA ALA A 114 6.09 -12.60 7.68
C ALA A 114 6.47 -11.39 8.51
N TYR A 115 7.21 -11.61 9.60
CA TYR A 115 7.68 -10.50 10.39
C TYR A 115 9.16 -10.62 10.64
N SER A 116 9.84 -9.48 10.75
CA SER A 116 11.27 -9.50 10.97
C SER A 116 11.70 -8.23 11.68
N ASP A 117 12.86 -8.31 12.35
CA ASP A 117 13.47 -7.10 12.90
C ASP A 117 14.23 -6.32 11.85
N GLU A 118 14.41 -6.89 10.68
CA GLU A 118 15.06 -6.21 9.57
C GLU A 118 14.02 -5.78 8.56
N SER A 119 14.26 -4.62 7.95
CA SER A 119 13.31 -4.04 7.01
C SER A 119 13.47 -4.59 5.61
N VAL A 120 14.23 -5.69 5.49
CA VAL A 120 14.38 -6.45 4.26
C VAL A 120 14.08 -7.89 4.60
N TYR A 121 13.20 -8.53 3.82
CA TYR A 121 12.78 -9.90 4.13
C TYR A 121 13.95 -10.88 4.09
N MET B 7 13.02 15.90 -1.14
CA MET B 7 12.67 16.41 -2.48
C MET B 7 11.67 17.54 -2.40
N LYS B 8 11.95 18.63 -3.11
CA LYS B 8 11.07 19.78 -3.15
C LYS B 8 10.22 19.71 -4.41
N PHE B 9 8.90 19.60 -4.24
CA PHE B 9 8.00 19.71 -5.37
C PHE B 9 7.89 21.16 -5.81
N GLN B 10 7.91 21.38 -7.13
CA GLN B 10 7.84 22.74 -7.63
C GLN B 10 6.53 23.42 -7.25
N TYR B 11 5.42 22.66 -7.17
CA TYR B 11 4.14 23.27 -6.78
C TYR B 11 4.25 23.86 -5.38
N LYS B 12 5.00 23.20 -4.49
N LYS B 12 4.99 23.21 -4.49
CA LYS B 12 5.19 23.72 -3.15
CA LYS B 12 5.17 23.74 -3.14
C LYS B 12 6.18 24.88 -3.12
C LYS B 12 6.20 24.87 -3.09
N GLU B 13 7.18 24.87 -4.00
CA GLU B 13 8.09 26.00 -4.07
C GLU B 13 7.38 27.24 -4.58
N ASP B 14 6.42 27.07 -5.49
CA ASP B 14 5.75 28.19 -6.17
C ASP B 14 4.63 28.79 -5.35
N HIS B 15 4.01 28.01 -4.47
CA HIS B 15 2.82 28.44 -3.73
C HIS B 15 2.92 28.10 -2.25
N PRO B 16 2.64 29.05 -1.37
CA PRO B 16 2.68 28.78 0.07
C PRO B 16 1.51 27.89 0.47
N PHE B 17 1.63 27.33 1.68
CA PHE B 17 0.63 26.37 2.14
C PHE B 17 -0.80 26.86 1.97
N GLU B 18 -1.07 28.13 2.33
CA GLU B 18 -2.45 28.58 2.34
C GLU B 18 -3.05 28.61 0.94
N TYR B 19 -2.24 28.94 -0.07
CA TYR B 19 -2.72 28.95 -1.44
C TYR B 19 -3.07 27.53 -1.88
N ARG B 20 -2.16 26.60 -1.60
CA ARG B 20 -2.37 25.21 -1.98
C ARG B 20 -3.61 24.64 -1.32
N LYS B 21 -3.78 24.90 -0.02
CA LYS B 21 -4.97 24.40 0.68
C LYS B 21 -6.26 24.95 0.08
N LYS B 22 -6.27 26.24 -0.30
CA LYS B 22 -7.48 26.76 -0.95
C LYS B 22 -7.74 26.05 -2.27
N GLU B 23 -6.70 25.86 -3.07
CA GLU B 23 -6.89 25.15 -4.33
C GLU B 23 -7.37 23.72 -4.09
N GLY B 24 -6.74 23.03 -3.14
CA GLY B 24 -7.10 21.63 -2.89
C GLY B 24 -8.50 21.49 -2.34
N GLU B 25 -8.87 22.34 -1.38
N GLU B 25 -8.85 22.32 -1.36
CA GLU B 25 -10.19 22.22 -0.78
CA GLU B 25 -10.19 22.27 -0.78
C GLU B 25 -11.28 22.63 -1.77
C GLU B 25 -11.24 22.57 -1.83
N LYS B 26 -11.01 23.62 -2.62
CA LYS B 26 -12.03 24.04 -3.56
C LYS B 26 -12.20 23.01 -4.67
N ILE B 27 -11.10 22.43 -5.14
CA ILE B 27 -11.24 21.47 -6.23
C ILE B 27 -11.82 20.14 -5.71
N ARG B 28 -11.52 19.78 -4.46
CA ARG B 28 -12.10 18.57 -3.86
C ARG B 28 -13.60 18.74 -3.67
N LYS B 29 -14.04 19.93 -3.26
CA LYS B 29 -15.46 20.21 -3.12
C LYS B 29 -16.16 20.23 -4.47
N LYS B 30 -15.50 20.78 -5.49
CA LYS B 30 -16.15 20.98 -6.79
C LYS B 30 -16.33 19.67 -7.55
N TYR B 31 -15.35 18.76 -7.47
CA TYR B 31 -15.30 17.54 -8.28
C TYR B 31 -15.21 16.35 -7.35
N PRO B 32 -16.31 15.96 -6.69
CA PRO B 32 -16.23 14.91 -5.67
C PRO B 32 -15.75 13.57 -6.21
N ASP B 33 -15.82 13.36 -7.53
CA ASP B 33 -15.44 12.11 -8.18
C ASP B 33 -13.99 12.09 -8.65
N ARG B 34 -13.20 13.12 -8.31
CA ARG B 34 -11.82 13.24 -8.76
C ARG B 34 -10.97 13.62 -7.59
N VAL B 35 -9.67 13.42 -7.73
CA VAL B 35 -8.73 13.84 -6.68
C VAL B 35 -7.64 14.70 -7.30
N PRO B 36 -7.20 15.75 -6.62
CA PRO B 36 -6.10 16.58 -7.12
C PRO B 36 -4.76 15.96 -6.78
N VAL B 37 -3.89 15.88 -7.77
CA VAL B 37 -2.63 15.15 -7.68
C VAL B 37 -1.52 15.98 -8.32
N ILE B 38 -0.41 16.13 -7.60
CA ILE B 38 0.82 16.73 -8.12
C ILE B 38 1.74 15.59 -8.48
N VAL B 39 2.24 15.56 -9.71
CA VAL B 39 3.15 14.51 -10.15
C VAL B 39 4.41 15.19 -10.65
N GLU B 40 5.57 14.84 -10.09
CA GLU B 40 6.82 15.45 -10.52
C GLU B 40 7.94 14.42 -10.51
N LYS B 41 8.93 14.62 -11.36
CA LYS B 41 10.08 13.74 -11.39
C LYS B 41 10.96 13.98 -10.17
N ALA B 42 11.42 12.89 -9.55
CA ALA B 42 12.38 12.97 -8.45
C ALA B 42 13.65 13.69 -8.90
N PRO B 43 14.34 14.35 -7.95
CA PRO B 43 15.39 15.33 -8.31
C PRO B 43 16.45 14.92 -9.34
N LYS B 44 17.01 13.72 -9.25
CA LYS B 44 18.05 13.36 -10.22
C LYS B 44 17.71 12.09 -10.98
N ALA B 45 16.42 11.80 -11.12
CA ALA B 45 16.01 10.69 -11.96
C ALA B 45 16.40 10.96 -13.41
N ARG B 46 16.86 9.92 -14.08
CA ARG B 46 17.27 10.01 -15.48
C ARG B 46 16.11 9.59 -16.39
N VAL B 47 15.01 10.32 -16.27
CA VAL B 47 13.83 10.17 -17.12
C VAL B 47 13.33 11.56 -17.51
N PRO B 48 12.45 11.66 -18.51
CA PRO B 48 11.93 12.99 -18.88
C PRO B 48 11.10 13.59 -17.76
N ASP B 49 11.08 14.92 -17.74
CA ASP B 49 10.11 15.66 -16.94
C ASP B 49 8.77 15.67 -17.68
N LEU B 50 7.69 15.66 -16.91
N LEU B 50 7.69 15.63 -16.90
CA LEU B 50 6.36 15.71 -17.49
CA LEU B 50 6.35 15.76 -17.46
C LEU B 50 5.98 17.17 -17.73
C LEU B 50 6.09 17.20 -17.81
N ASP B 51 5.36 17.40 -18.90
CA ASP B 51 5.02 18.76 -19.30
C ASP B 51 4.07 19.42 -18.31
N LYS B 52 3.14 18.66 -17.76
CA LYS B 52 2.11 19.12 -16.84
C LYS B 52 2.31 18.44 -15.48
N ARG B 53 2.18 19.19 -14.37
CA ARG B 53 2.38 18.61 -13.04
C ARG B 53 1.13 18.51 -12.17
N LYS B 54 0.04 19.17 -12.53
CA LYS B 54 -1.12 19.28 -11.66
CA LYS B 54 -1.13 19.29 -11.67
C LYS B 54 -2.30 18.59 -12.34
N TYR B 55 -2.81 17.52 -11.74
CA TYR B 55 -3.81 16.69 -12.38
C TYR B 55 -5.07 16.58 -11.55
N LEU B 56 -6.20 16.38 -12.23
CA LEU B 56 -7.45 15.97 -11.63
C LEU B 56 -7.70 14.55 -12.11
N VAL B 57 -7.68 13.58 -11.21
CA VAL B 57 -7.63 12.17 -11.54
C VAL B 57 -8.93 11.54 -11.07
N PRO B 58 -9.61 10.74 -11.90
CA PRO B 58 -10.81 10.05 -11.42
C PRO B 58 -10.47 9.17 -10.21
N SER B 59 -11.31 9.28 -9.18
CA SER B 59 -11.00 8.55 -7.94
CA SER B 59 -11.03 8.55 -7.94
CA SER B 59 -11.06 8.56 -7.93
C SER B 59 -11.05 7.05 -8.15
N ASP B 60 -11.79 6.57 -9.15
CA ASP B 60 -11.88 5.14 -9.42
C ASP B 60 -10.72 4.57 -10.24
N LEU B 61 -9.88 5.41 -10.82
CA LEU B 61 -8.75 4.89 -11.57
C LEU B 61 -7.80 4.23 -10.57
N THR B 62 -7.24 3.06 -10.92
CA THR B 62 -6.32 2.47 -9.98
C THR B 62 -4.93 3.10 -10.07
N VAL B 63 -4.17 2.95 -8.99
CA VAL B 63 -2.80 3.41 -8.97
C VAL B 63 -2.02 2.76 -10.13
N GLY B 64 -2.22 1.46 -10.35
CA GLY B 64 -1.51 0.81 -11.45
C GLY B 64 -1.86 1.40 -12.80
N GLN B 65 -3.14 1.71 -13.03
CA GLN B 65 -3.54 2.34 -14.29
C GLN B 65 -2.93 3.73 -14.41
N PHE B 66 -2.91 4.50 -13.34
CA PHE B 66 -2.31 5.83 -13.44
C PHE B 66 -0.82 5.75 -13.72
N TYR B 67 -0.17 4.73 -13.16
CA TYR B 67 1.25 4.49 -13.39
C TYR B 67 1.51 4.26 -14.88
N PHE B 68 0.70 3.39 -15.52
CA PHE B 68 0.94 3.13 -16.93
C PHE B 68 0.66 4.36 -17.78
N LEU B 69 -0.33 5.17 -17.38
CA LEU B 69 -0.60 6.41 -18.11
C LEU B 69 0.58 7.37 -18.02
N ILE B 70 1.16 7.51 -16.82
CA ILE B 70 2.30 8.38 -16.66
C ILE B 70 3.50 7.89 -17.47
N ARG B 71 3.70 6.57 -17.51
CA ARG B 71 4.78 6.04 -18.34
C ARG B 71 4.60 6.45 -19.79
N LYS B 72 3.37 6.41 -20.29
CA LYS B 72 3.14 6.85 -21.68
C LYS B 72 3.39 8.34 -21.83
N ARG B 73 2.96 9.14 -20.85
CA ARG B 73 3.06 10.59 -20.97
C ARG B 73 4.50 11.08 -20.97
N ILE B 74 5.42 10.31 -20.36
CA ILE B 74 6.85 10.62 -20.45
C ILE B 74 7.53 9.82 -21.55
N HIS B 75 6.75 9.08 -22.35
CA HIS B 75 7.25 8.38 -23.55
C HIS B 75 8.28 7.30 -23.18
N LEU B 76 8.06 6.58 -22.09
CA LEU B 76 9.01 5.56 -21.65
CA LEU B 76 9.01 5.57 -21.65
C LEU B 76 8.81 4.29 -22.45
N ARG B 77 9.91 3.71 -22.93
CA ARG B 77 9.82 2.40 -23.56
C ARG B 77 9.31 1.37 -22.55
N PRO B 78 8.61 0.33 -23.03
CA PRO B 78 8.13 -0.72 -22.10
C PRO B 78 9.26 -1.38 -21.37
N GLU B 79 10.46 -1.33 -21.91
CA GLU B 79 11.63 -1.97 -21.33
C GLU B 79 12.27 -1.17 -20.21
N ASP B 80 11.85 0.09 -20.01
CA ASP B 80 12.52 0.99 -19.08
C ASP B 80 11.88 0.94 -17.69
N ALA B 81 12.69 1.29 -16.69
CA ALA B 81 12.22 1.24 -15.30
C ALA B 81 11.54 2.54 -14.89
N LEU B 82 10.49 2.41 -14.07
CA LEU B 82 9.88 3.58 -13.44
C LEU B 82 9.19 3.14 -12.16
N PHE B 83 9.26 4.00 -11.15
CA PHE B 83 8.61 3.73 -9.87
C PHE B 83 7.89 4.99 -9.40
N PHE B 84 6.81 4.81 -8.66
CA PHE B 84 6.16 5.92 -8.00
C PHE B 84 6.54 5.88 -6.53
N PHE B 85 6.65 7.06 -5.94
CA PHE B 85 6.83 7.20 -4.49
C PHE B 85 5.78 8.18 -4.00
N VAL B 86 5.07 7.77 -2.96
CA VAL B 86 4.14 8.64 -2.27
C VAL B 86 4.55 8.58 -0.79
N ASN B 87 4.90 9.74 -0.22
CA ASN B 87 5.40 9.73 1.15
C ASN B 87 6.59 8.76 1.28
N ASN B 88 7.44 8.77 0.24
N ASN B 88 7.45 8.80 0.26
CA ASN B 88 8.70 8.02 0.24
CA ASN B 88 8.68 8.00 0.25
C ASN B 88 8.50 6.51 0.17
C ASN B 88 8.40 6.51 0.39
N THR B 89 7.31 6.08 -0.22
CA THR B 89 6.90 4.68 -0.21
C THR B 89 6.31 4.36 -1.58
N ILE B 90 6.61 3.18 -2.12
CA ILE B 90 5.96 2.78 -3.37
C ILE B 90 4.52 2.41 -3.04
N PRO B 91 3.53 3.03 -3.71
CA PRO B 91 2.12 2.80 -3.34
C PRO B 91 1.62 1.45 -3.82
N PRO B 92 0.54 0.94 -3.22
CA PRO B 92 -0.05 -0.33 -3.69
C PRO B 92 -0.76 -0.10 -5.01
N THR B 93 -0.51 -0.98 -5.98
CA THR B 93 -1.04 -0.71 -7.31
C THR B 93 -2.52 -1.02 -7.44
N SER B 94 -3.08 -1.83 -6.54
CA SER B 94 -4.50 -2.13 -6.62
CA SER B 94 -4.50 -2.14 -6.62
C SER B 94 -5.37 -1.09 -5.95
N ALA B 95 -4.79 -0.17 -5.17
CA ALA B 95 -5.58 0.89 -4.58
C ALA B 95 -6.14 1.76 -5.68
N THR B 96 -7.35 2.30 -5.46
CA THR B 96 -7.80 3.35 -6.35
C THR B 96 -7.07 4.63 -5.97
N MET B 97 -7.05 5.55 -6.92
CA MET B 97 -6.47 6.84 -6.63
C MET B 97 -7.23 7.55 -5.52
N GLY B 98 -8.56 7.37 -5.45
CA GLY B 98 -9.31 7.92 -4.33
C GLY B 98 -8.84 7.34 -3.01
N GLN B 99 -8.63 6.02 -2.96
CA GLN B 99 -8.11 5.42 -1.73
C GLN B 99 -6.71 5.93 -1.40
N LEU B 100 -5.84 6.02 -2.40
CA LEU B 100 -4.49 6.49 -2.13
C LEU B 100 -4.51 7.93 -1.65
N TYR B 101 -5.38 8.75 -2.24
CA TYR B 101 -5.55 10.14 -1.81
C TYR B 101 -6.01 10.19 -0.35
N GLU B 102 -7.07 9.43 -0.02
CA GLU B 102 -7.59 9.45 1.35
CA GLU B 102 -7.59 9.42 1.35
C GLU B 102 -6.49 9.12 2.35
N ASP B 103 -5.62 8.19 2.01
CA ASP B 103 -4.62 7.71 2.96
C ASP B 103 -3.34 8.54 2.97
N ASN B 104 -3.13 9.37 1.95
CA ASN B 104 -1.82 10.02 1.77
C ASN B 104 -1.86 11.51 1.50
N HIS B 105 -3.02 12.11 1.27
CA HIS B 105 -3.04 13.54 1.02
C HIS B 105 -2.39 14.32 2.16
N GLU B 106 -1.75 15.42 1.80
CA GLU B 106 -1.14 16.30 2.78
C GLU B 106 -2.21 17.26 3.31
N GLU B 107 -1.78 18.13 4.23
CA GLU B 107 -2.67 19.07 4.88
C GLU B 107 -3.23 20.10 3.93
N ASP B 108 -2.65 20.21 2.74
CA ASP B 108 -3.15 21.11 1.70
C ASP B 108 -4.16 20.44 0.78
N TYR B 109 -4.54 19.20 1.06
CA TYR B 109 -5.56 18.48 0.32
C TYR B 109 -5.12 18.08 -1.08
N PHE B 110 -3.81 18.04 -1.31
CA PHE B 110 -3.24 17.43 -2.51
C PHE B 110 -2.56 16.10 -2.19
N LEU B 111 -2.60 15.20 -3.17
CA LEU B 111 -1.76 14.01 -3.15
C LEU B 111 -0.53 14.31 -4.00
N TYR B 112 0.65 13.91 -3.50
CA TYR B 112 1.92 14.17 -4.16
C TYR B 112 2.54 12.85 -4.57
N VAL B 113 2.84 12.72 -5.87
CA VAL B 113 3.45 11.53 -6.42
C VAL B 113 4.77 11.93 -7.04
N ALA B 114 5.86 11.31 -6.59
CA ALA B 114 7.13 11.46 -7.28
C ALA B 114 7.38 10.23 -8.15
N TYR B 115 8.06 10.42 -9.29
CA TYR B 115 8.45 9.28 -10.10
C TYR B 115 9.96 9.29 -10.36
N SER B 116 10.51 8.09 -10.48
CA SER B 116 11.94 7.95 -10.66
C SER B 116 12.25 6.64 -11.36
N ASP B 117 13.44 6.59 -11.96
CA ASP B 117 13.93 5.34 -12.52
C ASP B 117 14.64 4.49 -11.48
N GLU B 118 14.82 4.99 -10.28
CA GLU B 118 15.53 4.28 -9.24
C GLU B 118 14.58 4.04 -8.09
N SER B 119 14.58 2.82 -7.59
CA SER B 119 13.57 2.37 -6.63
C SER B 119 13.91 2.74 -5.20
N VAL B 120 14.70 3.81 -4.99
CA VAL B 120 15.17 4.17 -3.66
C VAL B 120 14.45 5.39 -3.09
N SEP C 4 -6.94 -28.98 12.53
CA SEP C 4 -5.93 -28.03 12.95
CB SEP C 4 -4.84 -27.92 11.89
OG SEP C 4 -3.99 -26.81 12.14
C SEP C 4 -6.56 -26.66 13.21
O SEP C 4 -6.93 -25.95 12.27
P SEP C 4 -2.80 -26.80 11.06
O1P SEP C 4 -2.31 -28.32 10.82
O2P SEP C 4 -3.36 -26.20 9.67
O3P SEP C 4 -1.58 -25.90 11.61
N THR C 5 -6.69 -26.29 14.48
CA THR C 5 -7.51 -25.14 14.80
C THR C 5 -6.85 -23.81 14.40
N PHE C 6 -7.71 -22.83 14.18
CA PHE C 6 -7.32 -21.45 13.98
C PHE C 6 -7.31 -20.76 15.35
N THR C 7 -6.38 -19.83 15.53
CA THR C 7 -6.42 -18.94 16.69
C THR C 7 -7.25 -17.72 16.31
N ASN C 8 -8.31 -17.46 17.05
CA ASN C 8 -9.16 -16.33 16.71
C ASN C 8 -8.64 -15.04 17.34
N ILE C 9 -8.55 -14.01 16.52
CA ILE C 9 -8.16 -12.69 16.98
C ILE C 9 -9.46 -11.91 17.20
N SEP C 10 -9.57 -11.24 18.34
CA SEP C 10 -10.83 -10.59 18.62
CB SEP C 10 -11.30 -10.78 20.08
OG SEP C 10 -10.25 -10.49 20.95
C SEP C 10 -10.72 -9.14 18.19
O SEP C 10 -9.62 -8.64 17.96
P SEP C 10 -10.35 -11.00 22.48
O1P SEP C 10 -10.25 -12.59 22.42
O2P SEP C 10 -11.78 -10.53 23.05
O3P SEP C 10 -9.16 -10.21 23.22
N LEU C 11 -11.86 -8.47 18.00
CA LEU C 11 -11.81 -7.14 17.39
C LEU C 11 -11.56 -6.06 18.44
N SEP D 4 -2.50 28.50 -14.24
CA SEP D 4 -1.96 27.25 -13.74
CB SEP D 4 -1.20 27.46 -12.44
OG SEP D 4 -0.33 26.38 -12.18
C SEP D 4 -3.08 26.23 -13.54
O SEP D 4 -3.51 25.95 -12.41
P SEP D 4 0.25 26.58 -10.72
O1P SEP D 4 -0.76 25.91 -9.66
O2P SEP D 4 1.71 25.91 -10.61
O3P SEP D 4 0.34 28.16 -10.43
N THR D 5 -3.54 25.66 -14.64
CA THR D 5 -4.74 24.87 -14.62
C THR D 5 -4.44 23.46 -14.17
N PHE D 6 -5.53 22.72 -13.97
CA PHE D 6 -5.47 21.29 -13.76
C PHE D 6 -5.56 20.59 -15.10
N THR D 7 -4.83 19.50 -15.24
CA THR D 7 -4.96 18.64 -16.41
C THR D 7 -5.88 17.49 -16.04
N ASN D 8 -7.02 17.40 -16.72
CA ASN D 8 -7.99 16.37 -16.40
C ASN D 8 -7.58 15.05 -17.04
N ILE D 9 -7.60 13.99 -16.25
CA ILE D 9 -7.33 12.65 -16.72
C ILE D 9 -8.70 12.04 -17.01
N SEP D 10 -8.88 11.49 -18.20
CA SEP D 10 -10.19 10.91 -18.49
CB SEP D 10 -10.64 11.23 -19.92
OG SEP D 10 -9.72 10.70 -20.83
C SEP D 10 -10.11 9.40 -18.22
O SEP D 10 -9.05 8.79 -18.34
P SEP D 10 -9.57 11.46 -22.25
O1P SEP D 10 -8.88 10.39 -23.23
O2P SEP D 10 -8.54 12.68 -22.03
O3P SEP D 10 -10.96 12.04 -22.80
N LEU D 11 -11.24 8.84 -17.82
CA LEU D 11 -11.31 7.44 -17.46
C LEU D 11 -12.16 6.73 -18.50
O5 SAT E . 7.04 -0.61 8.39
S1 SAT E . 6.08 -0.08 9.30
O3 SAT E . 6.63 -0.04 10.64
O4 SAT E . 5.69 1.45 8.84
C2 SAT E . 4.66 -0.94 9.24
C1 SAT E . 4.86 -2.43 9.46
O1 SAT E . 5.86 -2.99 8.80
O2 SAT E . 3.68 -2.97 9.47
O5 SAT F . 5.52 -2.46 -8.64
S1 SAT F . 6.01 -0.99 -9.15
O3 SAT F . 6.58 -1.07 -10.49
O4 SAT F . 6.96 -0.58 -8.14
C2 SAT F . 4.66 -0.02 -9.13
C1 SAT F . 4.91 1.49 -9.21
O1 SAT F . 5.97 1.94 -8.59
O2 SAT F . 3.78 2.17 -9.21
#